data_6ZVE
#
_entry.id   6ZVE
#
_cell.length_a   82.896
_cell.length_b   113.033
_cell.length_c   62.817
_cell.angle_alpha   90.00
_cell.angle_beta   90.00
_cell.angle_gamma   90.00
#
_symmetry.space_group_name_H-M   'C 2 2 21'
#
loop_
_entity.id
_entity.type
_entity.pdbx_description
1 polymer '14-3-3 protein sigma'
2 polymer 'phosphorylated Gab2pT391 peptide'
3 non-polymer 'MAGNESIUM ION'
4 water water
#
loop_
_entity_poly.entity_id
_entity_poly.type
_entity_poly.pdbx_seq_one_letter_code
_entity_poly.pdbx_strand_id
1 'polypeptide(L)'
;GAMGSMERASLIQKAKLAEQAERYEDMAAFMKGAVEKGEELS(CSO)EERNLLSVAYKNVVGGQRAAWRVLSSIEQKSNE
EGSEEKGPEVREYREKVETELQGVCDTVLGLLDSHLIKEAGDAESRVFYLKMKGDYYRYLAEVATGDDKKRIIDSARSAY
QEAMDISKKEMPPTNPIRLGLALNFSVFHYEIANSPEEAISLAKTTFDEAMADLHTLSEDSYKDSTLIMQLLRDNLTLWT
ADNAGEEGGEAPQEPQS
;
A
2 'polypeptide(L)' IPRRN(TPO)LPAMDNS P
#
loop_
_chem_comp.id
_chem_comp.type
_chem_comp.name
_chem_comp.formula
MG non-polymer 'MAGNESIUM ION' 'Mg 2'
#
# COMPACT_ATOMS: atom_id res chain seq x y z
N GLY A 1 22.44 1.12 1.66
CA GLY A 1 23.88 0.71 1.71
C GLY A 1 24.39 0.60 3.15
N ALA A 2 23.69 1.24 4.09
CA ALA A 2 24.05 1.31 5.51
C ALA A 2 24.10 -0.08 6.14
N MET A 3 23.28 -1.01 5.62
CA MET A 3 23.09 -2.34 6.23
C MET A 3 23.95 -3.39 5.52
N GLY A 4 24.81 -2.97 4.59
CA GLY A 4 25.56 -3.89 3.72
C GLY A 4 26.55 -4.78 4.46
N SER A 5 27.04 -4.34 5.63
CA SER A 5 27.96 -5.17 6.45
C SER A 5 27.23 -5.95 7.57
N MET A 6 25.90 -6.01 7.59
CA MET A 6 25.18 -6.83 8.58
C MET A 6 24.54 -8.03 7.88
N GLU A 7 24.49 -9.16 8.58
CA GLU A 7 24.00 -10.44 8.00
C GLU A 7 22.51 -10.31 7.64
N ARG A 8 22.11 -11.05 6.61
CA ARG A 8 20.68 -11.09 6.22
C ARG A 8 19.83 -11.54 7.40
N ALA A 9 20.17 -12.63 8.07
CA ALA A 9 19.32 -13.14 9.17
C ALA A 9 19.27 -12.09 10.32
N SER A 10 20.40 -11.45 10.60
CA SER A 10 20.47 -10.39 11.63
C SER A 10 19.49 -9.26 11.31
N LEU A 11 19.37 -8.87 10.03
CA LEU A 11 18.48 -7.76 9.63
C LEU A 11 17.01 -8.17 9.81
N ILE A 12 16.69 -9.41 9.50
CA ILE A 12 15.32 -9.95 9.74
C ILE A 12 15.03 -9.94 11.23
N GLN A 13 15.96 -10.43 12.03
CA GLN A 13 15.75 -10.51 13.49
C GLN A 13 15.52 -9.09 14.04
N LYS A 14 16.33 -8.13 13.62
CA LYS A 14 16.22 -6.74 14.12
C LYS A 14 14.99 -6.03 13.52
N ALA A 15 14.50 -6.48 12.36
CA ALA A 15 13.29 -5.86 11.78
C ALA A 15 12.08 -6.25 12.62
N LYS A 16 12.08 -7.45 13.17
CA LYS A 16 10.93 -7.89 14.00
C LYS A 16 11.01 -7.22 15.37
N LEU A 17 12.21 -7.13 15.93
CA LEU A 17 12.43 -6.40 17.21
C LEU A 17 12.00 -4.95 17.02
N ALA A 18 12.23 -4.36 15.86
CA ALA A 18 11.83 -2.95 15.58
C ALA A 18 10.31 -2.87 15.54
N GLU A 19 9.66 -3.89 14.98
CA GLU A 19 8.18 -3.98 15.00
C GLU A 19 7.67 -3.94 16.44
N GLN A 20 8.20 -4.83 17.29
CA GLN A 20 7.80 -4.89 18.72
C GLN A 20 8.05 -3.54 19.38
N ALA A 21 9.17 -2.91 19.03
CA ALA A 21 9.56 -1.58 19.57
C ALA A 21 8.68 -0.50 18.97
N GLU A 22 7.91 -0.80 17.93
CA GLU A 22 7.19 0.22 17.11
C GLU A 22 8.16 1.27 16.57
N ARG A 23 9.39 0.88 16.26
CA ARG A 23 10.37 1.77 15.58
C ARG A 23 10.33 1.43 14.09
N TYR A 24 9.34 1.95 13.38
CA TYR A 24 9.06 1.52 11.99
C TYR A 24 10.07 2.08 10.98
N GLU A 25 10.74 3.19 11.27
CA GLU A 25 11.87 3.67 10.43
C GLU A 25 13.01 2.64 10.47
N ASP A 26 13.43 2.23 11.65
CA ASP A 26 14.44 1.14 11.77
C ASP A 26 13.94 -0.10 11.03
N MET A 27 12.67 -0.41 11.18
CA MET A 27 12.11 -1.64 10.58
C MET A 27 12.24 -1.56 9.04
N ALA A 28 11.92 -0.42 8.47
CA ALA A 28 12.03 -0.18 7.01
C ALA A 28 13.51 -0.23 6.62
N ALA A 29 14.37 0.35 7.43
CA ALA A 29 15.82 0.39 7.15
C ALA A 29 16.41 -1.03 7.15
N PHE A 30 16.03 -1.84 8.12
CA PHE A 30 16.46 -3.27 8.16
C PHE A 30 15.94 -4.04 6.94
N MET A 31 14.66 -3.85 6.61
CA MET A 31 14.03 -4.66 5.54
C MET A 31 14.56 -4.19 4.18
N LYS A 32 14.79 -2.89 4.02
CA LYS A 32 15.48 -2.38 2.81
C LYS A 32 16.85 -3.06 2.69
N GLY A 33 17.64 -3.07 3.76
CA GLY A 33 18.97 -3.69 3.74
C GLY A 33 18.87 -5.19 3.49
N ALA A 34 17.83 -5.82 4.01
CA ALA A 34 17.58 -7.26 3.76
C ALA A 34 17.28 -7.45 2.26
N VAL A 35 16.39 -6.64 1.72
CA VAL A 35 16.05 -6.76 0.29
C VAL A 35 17.36 -6.64 -0.52
N GLU A 36 18.18 -5.66 -0.20
CA GLU A 36 19.39 -5.34 -1.00
C GLU A 36 20.47 -6.41 -0.87
N LYS A 37 20.24 -7.50 -0.11
CA LYS A 37 21.16 -8.65 -0.12
C LYS A 37 21.02 -9.46 -1.41
N GLY A 38 19.97 -9.23 -2.18
CA GLY A 38 19.84 -9.85 -3.51
C GLY A 38 19.05 -11.15 -3.50
N GLU A 39 18.77 -11.72 -2.34
CA GLU A 39 17.95 -12.95 -2.30
C GLU A 39 16.46 -12.61 -2.43
N GLU A 40 15.71 -13.57 -2.96
CA GLU A 40 14.22 -13.53 -2.92
C GLU A 40 13.78 -13.44 -1.46
N LEU A 41 12.53 -13.09 -1.27
CA LEU A 41 11.99 -12.92 0.10
C LEU A 41 10.92 -13.96 0.34
N SER A 42 10.94 -14.51 1.54
CA SER A 42 9.90 -15.44 2.03
C SER A 42 8.59 -14.68 2.26
N CSO A 43 7.49 -15.44 2.32
CA CSO A 43 6.18 -14.83 2.49
CB CSO A 43 5.09 -15.90 2.47
SG CSO A 43 3.46 -15.39 3.09
C CSO A 43 6.15 -13.99 3.78
O CSO A 43 5.48 -12.96 3.83
OD CSO A 43 3.54 -15.14 4.72
N GLU A 44 6.85 -14.45 4.82
CA GLU A 44 6.90 -13.76 6.10
C GLU A 44 7.74 -12.47 5.99
N GLU A 45 8.89 -12.57 5.32
CA GLU A 45 9.77 -11.41 5.07
C GLU A 45 9.06 -10.38 4.17
N ARG A 46 8.26 -10.82 3.22
CA ARG A 46 7.42 -9.90 2.41
C ARG A 46 6.54 -9.06 3.33
N ASN A 47 5.91 -9.69 4.32
CA ASN A 47 4.97 -8.95 5.19
C ASN A 47 5.75 -7.95 6.05
N LEU A 48 6.97 -8.28 6.50
CA LEU A 48 7.75 -7.35 7.37
C LEU A 48 8.13 -6.10 6.55
N LEU A 49 8.61 -6.29 5.33
CA LEU A 49 8.88 -5.18 4.38
C LEU A 49 7.63 -4.31 4.26
N SER A 50 6.50 -4.92 3.90
CA SER A 50 5.21 -4.21 3.65
C SER A 50 4.76 -3.48 4.90
N VAL A 51 4.82 -4.15 6.06
CA VAL A 51 4.31 -3.58 7.33
C VAL A 51 5.17 -2.37 7.70
N ALA A 52 6.47 -2.38 7.41
CA ALA A 52 7.36 -1.30 7.91
C ALA A 52 7.10 -0.03 7.11
N TYR A 53 7.18 -0.15 5.78
CA TYR A 53 6.97 1.00 4.87
C TYR A 53 5.55 1.55 4.98
N LYS A 54 4.55 0.69 5.19
CA LYS A 54 3.15 1.13 5.38
C LYS A 54 3.04 2.08 6.59
N ASN A 55 3.76 1.80 7.66
CA ASN A 55 3.63 2.64 8.88
C ASN A 55 4.34 3.98 8.68
N VAL A 56 5.48 3.98 8.00
CA VAL A 56 6.27 5.23 7.86
C VAL A 56 5.52 6.18 6.92
N VAL A 57 5.24 5.70 5.72
CA VAL A 57 4.43 6.45 4.72
C VAL A 57 3.07 6.77 5.35
N GLY A 58 2.58 5.92 6.23
CA GLY A 58 1.25 6.12 6.83
C GLY A 58 1.19 7.36 7.72
N GLY A 59 2.22 7.60 8.53
CA GLY A 59 2.33 8.82 9.35
C GLY A 59 2.67 10.03 8.49
N GLN A 60 3.52 9.85 7.49
CA GLN A 60 3.82 10.93 6.53
C GLN A 60 2.56 11.34 5.78
N ARG A 61 1.74 10.37 5.38
CA ARG A 61 0.45 10.69 4.73
C ARG A 61 -0.43 11.47 5.72
N ALA A 62 -0.47 11.03 6.99
CA ALA A 62 -1.35 11.66 8.02
C ALA A 62 -0.91 13.11 8.22
N ALA A 63 0.39 13.34 8.37
CA ALA A 63 0.93 14.70 8.62
C ALA A 63 0.65 15.58 7.42
N TRP A 64 0.90 15.07 6.21
CA TRP A 64 0.62 15.81 4.96
C TRP A 64 -0.84 16.27 4.94
N ARG A 65 -1.78 15.40 5.29
CA ARG A 65 -3.22 15.76 5.18
C ARG A 65 -3.54 16.82 6.24
N VAL A 66 -2.80 16.85 7.33
CA VAL A 66 -3.03 17.89 8.38
C VAL A 66 -2.53 19.23 7.83
N LEU A 67 -1.33 19.24 7.27
CA LEU A 67 -0.70 20.49 6.77
C LEU A 67 -1.51 21.04 5.59
N SER A 68 -1.84 20.18 4.65
CA SER A 68 -2.61 20.55 3.43
C SER A 68 -3.89 21.30 3.82
N SER A 69 -4.53 20.93 4.92
CA SER A 69 -5.84 21.50 5.30
C SER A 69 -5.65 22.90 5.88
N ILE A 70 -4.80 23.02 6.88
CA ILE A 70 -4.38 24.34 7.42
C ILE A 70 -3.98 25.24 6.23
N GLU A 71 -3.25 24.68 5.26
CA GLU A 71 -2.82 25.42 4.06
C GLU A 71 -4.04 25.86 3.22
N GLN A 72 -5.05 25.00 3.06
CA GLN A 72 -6.27 25.38 2.31
C GLN A 72 -7.02 26.48 3.05
N LYS A 73 -7.19 26.34 4.37
CA LYS A 73 -7.82 27.39 5.21
C LYS A 73 -7.01 28.68 5.10
N SER A 74 -5.69 28.57 4.89
CA SER A 74 -4.80 29.75 4.84
C SER A 74 -5.05 30.60 3.57
N ASN A 75 -5.81 30.11 2.60
CA ASN A 75 -5.95 30.81 1.29
C ASN A 75 -7.42 31.11 0.98
N GLU A 76 -8.31 31.04 1.97
CA GLU A 76 -9.76 31.19 1.72
C GLU A 76 -10.28 32.55 2.22
N GLY A 78 -10.85 36.03 3.50
CA GLY A 78 -10.98 36.58 4.86
C GLY A 78 -9.86 36.08 5.77
N SER A 79 -8.90 35.35 5.20
CA SER A 79 -7.80 34.72 5.96
C SER A 79 -6.65 35.72 6.09
N GLU A 80 -6.16 35.91 7.31
CA GLU A 80 -4.96 36.74 7.57
C GLU A 80 -3.73 35.96 7.09
N GLU A 81 -2.98 36.55 6.15
CA GLU A 81 -1.86 35.90 5.39
C GLU A 81 -0.93 35.12 6.32
N GLY A 83 2.39 34.26 5.41
CA GLY A 83 3.78 33.76 5.33
C GLY A 83 3.88 32.45 4.58
N PRO A 84 5.06 32.12 4.04
CA PRO A 84 5.25 30.89 3.28
C PRO A 84 5.48 29.64 4.15
N GLU A 85 5.41 29.78 5.48
CA GLU A 85 5.91 28.71 6.39
C GLU A 85 5.02 27.46 6.28
N VAL A 86 3.72 27.63 6.20
CA VAL A 86 2.81 26.47 6.02
C VAL A 86 3.16 25.77 4.71
N ARG A 87 3.30 26.54 3.63
CA ARG A 87 3.61 25.95 2.31
C ARG A 87 4.99 25.30 2.36
N GLU A 88 5.95 25.92 3.03
CA GLU A 88 7.34 25.36 3.05
C GLU A 88 7.35 24.02 3.80
N TYR A 89 6.70 23.94 4.94
CA TYR A 89 6.72 22.70 5.75
C TYR A 89 5.87 21.60 5.09
N ARG A 90 4.70 21.93 4.56
CA ARG A 90 3.88 20.95 3.80
C ARG A 90 4.72 20.38 2.64
N GLU A 91 5.51 21.22 1.99
CA GLU A 91 6.38 20.83 0.86
C GLU A 91 7.44 19.82 1.35
N LYS A 92 8.21 20.22 2.36
CA LYS A 92 9.30 19.38 2.91
C LYS A 92 8.76 17.99 3.29
N VAL A 93 7.65 17.95 4.01
CA VAL A 93 7.05 16.66 4.44
C VAL A 93 6.67 15.86 3.20
N GLU A 94 6.01 16.50 2.24
CA GLU A 94 5.63 15.84 0.98
C GLU A 94 6.88 15.37 0.24
N THR A 95 7.93 16.19 0.22
CA THR A 95 9.22 15.79 -0.42
C THR A 95 9.74 14.55 0.30
N GLU A 96 9.66 14.54 1.62
CA GLU A 96 10.05 13.35 2.42
C GLU A 96 9.18 12.15 2.01
N LEU A 97 7.87 12.35 1.88
CA LEU A 97 6.96 11.25 1.53
C LEU A 97 7.29 10.71 0.15
N GLN A 98 7.60 11.60 -0.80
CA GLN A 98 7.89 11.17 -2.18
C GLN A 98 9.17 10.36 -2.21
N GLY A 99 10.12 10.65 -1.33
CA GLY A 99 11.38 9.87 -1.26
C GLY A 99 11.11 8.44 -0.86
N VAL A 100 10.30 8.26 0.18
CA VAL A 100 9.99 6.91 0.76
C VAL A 100 9.30 6.05 -0.30
N CYS A 101 8.32 6.60 -1.00
CA CYS A 101 7.65 5.90 -2.12
C CYS A 101 8.69 5.56 -3.19
N ASP A 102 9.52 6.52 -3.55
CA ASP A 102 10.58 6.32 -4.56
C ASP A 102 11.56 5.27 -4.06
N THR A 103 11.70 5.13 -2.75
CA THR A 103 12.63 4.12 -2.21
C THR A 103 12.00 2.73 -2.37
N VAL A 104 10.72 2.60 -2.05
CA VAL A 104 10.01 1.30 -2.14
C VAL A 104 9.93 0.88 -3.61
N LEU A 105 9.47 1.78 -4.46
CA LEU A 105 9.36 1.49 -5.91
C LEU A 105 10.72 1.07 -6.47
N GLY A 106 11.80 1.69 -6.02
CA GLY A 106 13.16 1.29 -6.44
C GLY A 106 13.53 -0.12 -5.98
N LEU A 107 12.95 -0.59 -4.87
CA LEU A 107 13.29 -1.96 -4.40
C LEU A 107 12.45 -2.98 -5.16
N LEU A 108 11.23 -2.63 -5.52
CA LEU A 108 10.36 -3.52 -6.32
C LEU A 108 10.98 -3.66 -7.72
N ASP A 109 11.54 -2.56 -8.23
CA ASP A 109 12.13 -2.48 -9.58
C ASP A 109 13.57 -3.04 -9.61
N SER A 110 14.19 -3.33 -8.47
CA SER A 110 15.61 -3.79 -8.44
C SER A 110 15.87 -4.70 -7.25
N HIS A 111 15.35 -5.93 -7.32
CA HIS A 111 14.80 -6.52 -8.52
C HIS A 111 13.71 -7.50 -8.11
N LEU A 112 12.84 -7.07 -7.21
CA LEU A 112 11.85 -7.94 -6.54
C LEU A 112 10.77 -8.41 -7.53
N ILE A 113 10.34 -7.59 -8.47
CA ILE A 113 9.23 -8.03 -9.37
C ILE A 113 9.79 -8.96 -10.45
N LYS A 114 10.97 -8.69 -10.98
CA LYS A 114 11.47 -9.51 -12.12
C LYS A 114 11.77 -10.95 -11.67
N GLU A 115 12.14 -11.15 -10.41
CA GLU A 115 12.52 -12.50 -9.91
C GLU A 115 11.34 -13.18 -9.21
N ALA A 116 10.25 -12.46 -8.94
CA ALA A 116 9.01 -13.03 -8.35
C ALA A 116 8.29 -13.88 -9.39
N GLY A 117 8.36 -15.20 -9.26
CA GLY A 117 7.78 -16.15 -10.23
C GLY A 117 6.43 -16.73 -9.78
N ASP A 118 6.23 -16.92 -8.48
CA ASP A 118 4.97 -17.51 -7.97
C ASP A 118 3.89 -16.44 -7.90
N ALA A 119 2.65 -16.88 -7.97
CA ALA A 119 1.48 -15.97 -7.95
C ALA A 119 1.54 -15.08 -6.70
N GLU A 120 1.72 -15.67 -5.54
CA GLU A 120 1.52 -14.96 -4.24
C GLU A 120 2.56 -13.84 -4.12
N SER A 121 3.78 -14.10 -4.56
CA SER A 121 4.89 -13.14 -4.43
C SER A 121 4.70 -12.03 -5.47
N ARG A 122 4.32 -12.40 -6.68
CA ARG A 122 4.25 -11.46 -7.82
C ARG A 122 3.03 -10.56 -7.66
N VAL A 123 1.90 -11.16 -7.29
CA VAL A 123 0.67 -10.41 -6.94
C VAL A 123 0.97 -9.54 -5.71
N TYR A 125 3.67 -7.86 -4.96
CA TYR A 125 4.62 -6.76 -5.22
C TYR A 125 3.99 -5.76 -6.18
N LEU A 126 3.26 -6.23 -7.18
CA LEU A 126 2.54 -5.31 -8.09
C LEU A 126 1.49 -4.54 -7.30
N LYS A 127 0.87 -5.17 -6.30
CA LYS A 127 -0.07 -4.46 -5.39
C LYS A 127 0.66 -3.34 -4.64
N MET A 128 1.73 -3.70 -3.93
CA MET A 128 2.71 -2.71 -3.36
C MET A 128 3.05 -1.63 -4.40
N LYS A 129 3.35 -2.04 -5.62
CA LYS A 129 3.72 -1.07 -6.68
C LYS A 129 2.54 -0.16 -6.93
N GLY A 130 1.33 -0.70 -6.92
CA GLY A 130 0.14 0.14 -7.10
C GLY A 130 -0.10 1.06 -5.92
N ASP A 131 0.18 0.58 -4.72
CA ASP A 131 -0.09 1.35 -3.48
C ASP A 131 0.81 2.59 -3.43
N TYR A 132 2.09 2.47 -3.76
CA TYR A 132 3.06 3.59 -3.55
C TYR A 132 3.00 4.58 -4.71
N TYR A 133 2.62 4.16 -5.90
CA TYR A 133 2.25 5.14 -6.95
C TYR A 133 0.97 5.85 -6.51
N ARG A 134 0.05 5.13 -5.86
CA ARG A 134 -1.22 5.77 -5.41
C ARG A 134 -0.88 6.83 -4.36
N TYR A 135 0.07 6.55 -3.49
CA TYR A 135 0.48 7.54 -2.47
C TYR A 135 1.11 8.76 -3.16
N LEU A 136 1.93 8.53 -4.18
CA LEU A 136 2.50 9.64 -4.97
C LEU A 136 1.34 10.40 -5.64
N ALA A 137 0.37 9.66 -6.19
CA ALA A 137 -0.83 10.27 -6.80
C ALA A 137 -1.52 11.18 -5.78
N GLU A 138 -1.66 10.76 -4.52
CA GLU A 138 -2.44 11.51 -3.50
C GLU A 138 -1.92 12.95 -3.38
N VAL A 139 -0.64 13.18 -3.71
CA VAL A 139 0.03 14.49 -3.49
C VAL A 139 0.45 15.15 -4.81
N ALA A 140 0.23 14.51 -5.95
CA ALA A 140 0.66 15.03 -7.26
C ALA A 140 -0.37 16.02 -7.83
N THR A 141 0.09 17.17 -8.30
CA THR A 141 -0.84 18.24 -8.77
C THR A 141 -0.45 18.81 -10.14
N GLY A 142 0.60 18.29 -10.78
CA GLY A 142 1.22 18.99 -11.92
C GLY A 142 1.06 18.26 -13.25
N ASP A 143 2.17 18.18 -13.99
CA ASP A 143 2.22 17.71 -15.40
C ASP A 143 2.44 16.19 -15.44
N ASP A 144 2.53 15.50 -14.30
CA ASP A 144 2.73 14.04 -14.30
C ASP A 144 1.66 13.34 -13.47
N LYS A 145 0.67 14.05 -12.94
CA LYS A 145 -0.35 13.41 -12.09
C LYS A 145 -1.16 12.40 -12.92
N LYS A 146 -1.40 12.69 -14.19
CA LYS A 146 -2.07 11.72 -15.08
C LYS A 146 -1.18 10.49 -15.25
N ARG A 147 0.14 10.68 -15.30
CA ARG A 147 1.05 9.55 -15.61
C ARG A 147 1.29 8.71 -14.36
N ILE A 148 1.27 9.33 -13.19
CA ILE A 148 1.43 8.58 -11.92
C ILE A 148 0.20 7.69 -11.75
N ILE A 149 -0.98 8.18 -12.10
CA ILE A 149 -2.25 7.42 -11.93
C ILE A 149 -2.20 6.20 -12.86
N ASP A 150 -1.80 6.40 -14.10
CA ASP A 150 -1.70 5.26 -15.05
C ASP A 150 -0.62 4.29 -14.55
N SER A 151 0.49 4.79 -14.04
CA SER A 151 1.53 3.93 -13.42
C SER A 151 0.87 3.00 -12.38
N ALA A 152 0.05 3.55 -11.49
CA ALA A 152 -0.62 2.78 -10.42
C ALA A 152 -1.69 1.85 -11.02
N ARG A 153 -2.55 2.38 -11.88
N ARG A 153 -2.55 2.38 -11.88
CA ARG A 153 -3.67 1.60 -12.46
CA ARG A 153 -3.67 1.59 -12.46
C ARG A 153 -3.13 0.36 -13.17
C ARG A 153 -3.11 0.35 -13.15
N SER A 154 -2.13 0.56 -14.02
CA SER A 154 -1.46 -0.52 -14.79
C SER A 154 -0.93 -1.60 -13.83
N ALA A 155 -0.30 -1.20 -12.74
CA ALA A 155 0.29 -2.12 -11.75
C ALA A 155 -0.83 -2.94 -11.10
N TYR A 156 -1.87 -2.27 -10.59
CA TYR A 156 -3.06 -2.94 -10.03
C TYR A 156 -3.66 -3.92 -11.05
N GLN A 157 -3.72 -3.54 -12.32
CA GLN A 157 -4.42 -4.37 -13.33
C GLN A 157 -3.61 -5.63 -13.63
N GLU A 158 -2.28 -5.53 -13.62
CA GLU A 158 -1.42 -6.73 -13.82
C GLU A 158 -1.67 -7.69 -12.67
N ALA A 159 -1.64 -7.19 -11.44
CA ALA A 159 -1.89 -8.01 -10.23
C ALA A 159 -3.29 -8.62 -10.31
N MET A 160 -4.27 -7.89 -10.83
CA MET A 160 -5.68 -8.38 -10.88
C MET A 160 -5.77 -9.57 -11.85
N ASP A 161 -5.07 -9.52 -12.98
CA ASP A 161 -5.19 -10.61 -13.98
C ASP A 161 -4.55 -11.88 -13.41
N ILE A 162 -3.37 -11.76 -12.83
CA ILE A 162 -2.69 -12.94 -12.25
C ILE A 162 -3.56 -13.49 -11.12
N SER A 163 -4.12 -12.62 -10.29
CA SER A 163 -4.88 -13.06 -9.09
C SER A 163 -6.15 -13.78 -9.56
N LYS A 164 -6.81 -13.27 -10.59
CA LYS A 164 -8.04 -13.93 -11.11
C LYS A 164 -7.67 -15.33 -11.61
N LYS A 165 -6.63 -15.43 -12.43
CA LYS A 165 -6.25 -16.73 -13.06
C LYS A 165 -5.71 -17.68 -12.00
N GLU A 166 -4.89 -17.23 -11.05
CA GLU A 166 -3.99 -18.14 -10.28
C GLU A 166 -4.35 -18.30 -8.80
N MET A 167 -5.28 -17.53 -8.25
CA MET A 167 -5.58 -17.70 -6.80
C MET A 167 -7.08 -17.82 -6.62
N PRO A 168 -7.53 -18.56 -5.59
CA PRO A 168 -8.95 -18.70 -5.34
C PRO A 168 -9.53 -17.35 -4.94
N PRO A 169 -10.87 -17.19 -5.00
CA PRO A 169 -11.48 -15.89 -4.73
C PRO A 169 -11.46 -15.44 -3.27
N THR A 170 -11.11 -16.33 -2.33
CA THR A 170 -11.02 -15.96 -0.89
C THR A 170 -9.58 -15.65 -0.49
N ASN A 171 -8.63 -15.84 -1.39
CA ASN A 171 -7.21 -15.66 -1.06
C ASN A 171 -7.01 -14.26 -0.50
N PRO A 172 -6.52 -14.13 0.75
CA PRO A 172 -6.36 -12.82 1.37
C PRO A 172 -5.57 -11.81 0.52
N ILE A 173 -4.62 -12.28 -0.27
CA ILE A 173 -3.80 -11.36 -1.11
C ILE A 173 -4.70 -10.83 -2.21
N ARG A 174 -5.51 -11.70 -2.81
CA ARG A 174 -6.49 -11.27 -3.84
C ARG A 174 -7.47 -10.29 -3.21
N LEU A 175 -7.93 -10.54 -2.00
CA LEU A 175 -8.99 -9.71 -1.40
C LEU A 175 -8.41 -8.34 -1.05
N GLY A 176 -7.19 -8.30 -0.51
CA GLY A 176 -6.50 -7.02 -0.21
C GLY A 176 -6.21 -6.26 -1.49
N LEU A 177 -5.79 -6.98 -2.53
CA LEU A 177 -5.58 -6.38 -3.88
C LEU A 177 -6.87 -5.69 -4.31
N ALA A 178 -8.00 -6.39 -4.15
CA ALA A 178 -9.32 -5.88 -4.58
C ALA A 178 -9.79 -4.85 -3.55
N ASN A 180 -8.03 -2.31 -2.22
CA ASN A 180 -7.13 -1.16 -2.52
C ASN A 180 -7.35 -0.67 -3.96
N PHE A 181 -7.44 -1.58 -4.92
CA PHE A 181 -7.73 -1.20 -6.32
C PHE A 181 -9.06 -0.42 -6.37
N SER A 182 -10.05 -0.90 -5.62
CA SER A 182 -11.38 -0.27 -5.54
C SER A 182 -11.24 1.14 -4.98
N VAL A 183 -10.41 1.34 -3.96
CA VAL A 183 -10.21 2.69 -3.35
C VAL A 183 -9.50 3.62 -4.35
N PHE A 184 -8.50 3.12 -5.07
CA PHE A 184 -7.91 3.83 -6.22
C PHE A 184 -9.04 4.33 -7.12
N HIS A 185 -10.04 3.49 -7.42
CA HIS A 185 -11.15 3.86 -8.32
C HIS A 185 -12.00 4.98 -7.70
N GLU A 187 -11.40 7.14 -5.57
CA GLU A 187 -10.86 8.28 -4.78
C GLU A 187 -9.64 8.90 -5.50
N ILE A 188 -8.93 8.14 -6.30
CA ILE A 188 -7.85 8.69 -7.17
C ILE A 188 -8.37 8.78 -8.61
N ALA A 189 -8.95 7.70 -9.13
CA ALA A 189 -9.33 7.59 -10.56
C ALA A 189 -10.69 8.24 -10.84
N ASN A 190 -11.40 8.76 -9.85
CA ASN A 190 -12.74 9.38 -10.06
C ASN A 190 -13.69 8.41 -10.77
N SER A 191 -13.72 7.15 -10.34
CA SER A 191 -14.61 6.11 -10.93
C SER A 191 -15.34 5.41 -9.80
N PRO A 192 -16.26 6.09 -9.09
CA PRO A 192 -16.84 5.52 -7.89
C PRO A 192 -17.73 4.32 -8.21
N GLU A 193 -18.37 4.31 -9.37
CA GLU A 193 -19.19 3.15 -9.77
C GLU A 193 -18.28 1.96 -10.04
N GLU A 194 -17.12 2.19 -10.67
CA GLU A 194 -16.15 1.09 -10.84
C GLU A 194 -15.70 0.62 -9.45
N ALA A 195 -15.41 1.56 -8.56
CA ALA A 195 -15.02 1.25 -7.18
C ALA A 195 -16.04 0.29 -6.54
N ILE A 196 -17.33 0.57 -6.69
CA ILE A 196 -18.38 -0.15 -5.93
C ILE A 196 -18.61 -1.52 -6.57
N SER A 197 -18.65 -1.56 -7.89
CA SER A 197 -18.83 -2.83 -8.64
CA SER A 197 -18.82 -2.82 -8.65
C SER A 197 -17.69 -3.77 -8.25
N LEU A 198 -16.46 -3.30 -8.29
CA LEU A 198 -15.33 -4.21 -7.99
C LEU A 198 -15.51 -4.75 -6.57
N ALA A 199 -16.03 -3.98 -5.64
CA ALA A 199 -16.08 -4.42 -4.23
C ALA A 199 -17.22 -5.42 -4.03
N LYS A 200 -18.40 -5.16 -4.60
CA LYS A 200 -19.54 -6.09 -4.47
C LYS A 200 -19.22 -7.40 -5.19
N THR A 201 -18.60 -7.31 -6.37
CA THR A 201 -18.20 -8.50 -7.15
C THR A 201 -17.18 -9.30 -6.33
N THR A 202 -16.15 -8.65 -5.80
CA THR A 202 -15.09 -9.34 -5.05
C THR A 202 -15.70 -9.98 -3.81
N PHE A 203 -16.55 -9.25 -3.11
CA PHE A 203 -17.18 -9.73 -1.87
C PHE A 203 -18.00 -10.97 -2.19
N ASP A 204 -18.91 -10.87 -3.15
CA ASP A 204 -19.92 -11.94 -3.39
C ASP A 204 -19.22 -13.24 -3.79
N GLU A 205 -18.13 -13.17 -4.52
CA GLU A 205 -17.48 -14.40 -5.01
C GLU A 205 -16.61 -15.04 -3.92
N ALA A 206 -16.04 -14.23 -3.03
CA ALA A 206 -15.37 -14.78 -1.84
C ALA A 206 -16.42 -15.47 -0.98
N MET A 207 -17.58 -14.83 -0.78
CA MET A 207 -18.66 -15.38 0.06
C MET A 207 -19.01 -16.79 -0.44
N ALA A 208 -19.11 -16.98 -1.74
CA ALA A 208 -19.52 -18.27 -2.34
C ALA A 208 -18.42 -19.33 -2.20
N ASP A 209 -17.21 -18.95 -1.84
CA ASP A 209 -16.05 -19.88 -1.75
C ASP A 209 -15.73 -20.21 -0.29
N LEU A 210 -16.39 -19.56 0.67
CA LEU A 210 -16.04 -19.69 2.12
C LEU A 210 -16.23 -21.14 2.62
N HIS A 211 -17.13 -21.92 2.01
CA HIS A 211 -17.41 -23.30 2.46
C HIS A 211 -16.20 -24.23 2.24
N THR A 212 -15.23 -23.81 1.45
CA THR A 212 -14.03 -24.62 1.13
C THR A 212 -12.93 -24.41 2.18
N LEU A 213 -13.13 -23.48 3.12
CA LEU A 213 -12.02 -22.99 3.98
C LEU A 213 -12.07 -23.62 5.36
N SER A 214 -10.91 -23.87 5.91
CA SER A 214 -10.73 -24.22 7.34
C SER A 214 -11.17 -23.05 8.22
N GLU A 215 -11.40 -23.32 9.50
CA GLU A 215 -11.78 -22.29 10.49
C GLU A 215 -10.71 -21.18 10.52
N ASP A 216 -9.44 -21.53 10.34
CA ASP A 216 -8.37 -20.51 10.36
C ASP A 216 -8.43 -19.64 9.11
N SER A 217 -8.43 -20.24 7.93
CA SER A 217 -8.54 -19.49 6.65
C SER A 217 -9.81 -18.64 6.64
N TYR A 218 -10.93 -19.22 7.12
CA TYR A 218 -12.24 -18.53 7.22
C TYR A 218 -12.08 -17.18 7.91
N LYS A 219 -11.46 -17.17 9.09
CA LYS A 219 -11.31 -15.92 9.89
C LYS A 219 -10.51 -14.90 9.08
N ASP A 220 -9.43 -15.33 8.43
CA ASP A 220 -8.57 -14.44 7.62
C ASP A 220 -9.41 -13.78 6.52
N SER A 221 -10.11 -14.58 5.73
CA SER A 221 -10.86 -14.09 4.55
C SER A 221 -11.99 -13.16 5.01
N THR A 222 -12.70 -13.50 6.07
CA THR A 222 -13.86 -12.70 6.54
C THR A 222 -13.36 -11.34 7.02
N LEU A 223 -12.16 -11.29 7.58
CA LEU A 223 -11.57 -9.99 8.00
C LEU A 223 -11.60 -9.04 6.79
N ILE A 224 -11.04 -9.44 5.66
CA ILE A 224 -10.86 -8.50 4.54
C ILE A 224 -12.20 -8.30 3.82
N MET A 225 -13.03 -9.32 3.76
CA MET A 225 -14.41 -9.15 3.22
C MET A 225 -15.14 -8.11 4.08
N GLN A 226 -14.86 -8.04 5.38
CA GLN A 226 -15.53 -7.01 6.22
C GLN A 226 -14.97 -5.62 5.89
N LEU A 227 -13.72 -5.51 5.50
CA LEU A 227 -13.17 -4.19 5.07
C LEU A 227 -13.85 -3.77 3.77
N LEU A 228 -14.25 -4.72 2.93
CA LEU A 228 -15.00 -4.42 1.69
C LEU A 228 -16.44 -4.01 2.05
N ARG A 229 -17.03 -4.67 3.05
CA ARG A 229 -18.44 -4.43 3.45
C ARG A 229 -18.57 -2.99 3.99
N ASP A 230 -17.67 -2.55 4.84
CA ASP A 230 -17.70 -1.17 5.38
C ASP A 230 -17.51 -0.16 4.26
N ASN A 231 -16.58 -0.39 3.35
CA ASN A 231 -16.35 0.56 2.21
C ASN A 231 -17.64 0.67 1.41
N LEU A 232 -18.20 -0.44 0.95
CA LEU A 232 -19.53 -0.44 0.29
C LEU A 232 -20.54 0.33 1.14
N THR A 233 -20.55 0.09 2.45
CA THR A 233 -21.51 0.75 3.37
C THR A 233 -21.35 2.27 3.30
N LEU A 234 -20.10 2.76 3.25
CA LEU A 234 -19.77 4.20 3.21
C LEU A 234 -20.08 4.79 1.83
N TRP A 235 -19.98 4.01 0.75
CA TRP A 235 -20.14 4.54 -0.63
C TRP A 235 -21.60 4.44 -1.05
N THR A 236 -22.35 3.51 -0.49
CA THR A 236 -23.78 3.36 -0.83
C THR A 236 -24.64 4.01 0.25
N PRO B 2 -14.66 8.78 10.10
CA PRO B 2 -14.17 7.45 9.68
C PRO B 2 -13.70 7.42 8.22
N ARG B 3 -12.43 7.05 8.01
CA ARG B 3 -11.86 6.87 6.65
C ARG B 3 -12.28 5.51 6.06
N ARG B 4 -12.15 5.37 4.76
CA ARG B 4 -12.33 4.08 4.07
C ARG B 4 -11.16 3.15 4.39
N ASN B 5 -11.38 1.86 4.24
CA ASN B 5 -10.37 0.82 4.57
C ASN B 5 -9.43 0.60 3.39
N TPO B 6 -8.12 0.47 3.68
CA TPO B 6 -7.14 -0.07 2.74
CB TPO B 6 -6.38 1.02 1.98
CG2 TPO B 6 -7.29 1.93 1.18
OG1 TPO B 6 -5.65 1.88 2.90
P TPO B 6 -4.33 2.61 2.36
O1P TPO B 6 -4.79 3.81 1.58
O2P TPO B 6 -3.60 1.62 1.49
O3P TPO B 6 -3.59 2.95 3.62
C TPO B 6 -6.18 -1.04 3.44
O TPO B 6 -5.90 -0.89 4.64
N LEU B 7 -5.68 -2.02 2.67
CA LEU B 7 -4.74 -3.03 3.14
C LEU B 7 -3.31 -2.45 3.09
N PRO B 8 -2.47 -2.69 4.12
CA PRO B 8 -2.94 -3.06 5.46
C PRO B 8 -3.24 -1.81 6.28
N ALA B 9 -3.11 -1.88 7.60
CA ALA B 9 -3.33 -0.72 8.50
C ALA B 9 -2.03 -0.34 9.20
N MET B 10 -2.06 0.78 9.91
CA MET B 10 -0.93 1.29 10.72
C MET B 10 -1.10 0.73 12.13
N ASP B 11 0.00 0.44 12.82
CA ASP B 11 -0.01 -0.05 14.22
C ASP B 11 -0.91 0.87 15.05
MG MG C . -24.99 4.87 -10.29
MG MG D . 26.27 -2.22 7.79
#